data_5ZMZ
# 
_entry.id   5ZMZ 
# 
_audit_conform.dict_name       mmcif_pdbx.dic 
_audit_conform.dict_version    5.380 
_audit_conform.dict_location   http://mmcif.pdb.org/dictionaries/ascii/mmcif_pdbx.dic 
# 
loop_
_database_2.database_id 
_database_2.database_code 
_database_2.pdbx_database_accession 
_database_2.pdbx_DOI 
PDB   5ZMZ         pdb_00005zmz 10.2210/pdb5zmz/pdb 
WWPDB D_1300007378 ?            ?                   
# 
_pdbx_database_status.status_code                     REL 
_pdbx_database_status.status_code_sf                  REL 
_pdbx_database_status.status_code_mr                  ? 
_pdbx_database_status.entry_id                        5ZMZ 
_pdbx_database_status.recvd_initial_deposition_date   2018-04-06 
_pdbx_database_status.SG_entry                        N 
_pdbx_database_status.deposit_site                    PDBJ 
_pdbx_database_status.process_site                    PDBJ 
_pdbx_database_status.status_code_cs                  ? 
_pdbx_database_status.methods_development_category    ? 
_pdbx_database_status.pdb_format_compatible           Y 
_pdbx_database_status.status_code_nmr_data            ? 
# 
loop_
_audit_author.name 
_audit_author.pdbx_ordinal 
_audit_author.identifier_ORCID 
'Li, J.X.'  1 ? 
'Zheng, J.' 2 ? 
# 
_citation.abstract                  ? 
_citation.abstract_id_CAS           ? 
_citation.book_id_ISBN              ? 
_citation.book_publisher            ? 
_citation.book_publisher_city       ? 
_citation.book_title                ? 
_citation.coordinate_linkage        ? 
_citation.country                   ? 
_citation.database_id_Medline       ? 
_citation.details                   ? 
_citation.id                        primary 
_citation.journal_abbrev            'To Be Published' 
_citation.journal_id_ASTM           ? 
_citation.journal_id_CSD            0353 
_citation.journal_id_ISSN           ? 
_citation.journal_full              ? 
_citation.journal_issue             ? 
_citation.journal_volume            ? 
_citation.language                  ? 
_citation.page_first                ? 
_citation.page_last                 ? 
_citation.title                     'Amyloid core of RIP1' 
_citation.year                      ? 
_citation.database_id_CSD           ? 
_citation.pdbx_database_id_DOI      ? 
_citation.pdbx_database_id_PubMed   ? 
_citation.unpublished_flag          ? 
# 
loop_
_citation_author.citation_id 
_citation_author.name 
_citation_author.ordinal 
_citation_author.identifier_ORCID 
primary 'Li, J.X.'  1 ? 
primary 'Zheng, J.' 2 ? 
# 
_cell.angle_alpha                  90.00 
_cell.angle_alpha_esd              ? 
_cell.angle_beta                   107.97 
_cell.angle_beta_esd               ? 
_cell.angle_gamma                  90.00 
_cell.angle_gamma_esd              ? 
_cell.entry_id                     5ZMZ 
_cell.details                      ? 
_cell.formula_units_Z              ? 
_cell.length_a                     29.440 
_cell.length_a_esd                 ? 
_cell.length_b                     4.800 
_cell.length_b_esd                 ? 
_cell.length_c                     18.940 
_cell.length_c_esd                 ? 
_cell.volume                       ? 
_cell.volume_esd                   ? 
_cell.Z_PDB                        4 
_cell.reciprocal_angle_alpha       ? 
_cell.reciprocal_angle_beta        ? 
_cell.reciprocal_angle_gamma       ? 
_cell.reciprocal_angle_alpha_esd   ? 
_cell.reciprocal_angle_beta_esd    ? 
_cell.reciprocal_angle_gamma_esd   ? 
_cell.reciprocal_length_a          ? 
_cell.reciprocal_length_b          ? 
_cell.reciprocal_length_c          ? 
_cell.reciprocal_length_a_esd      ? 
_cell.reciprocal_length_b_esd      ? 
_cell.reciprocal_length_c_esd      ? 
_cell.pdbx_unique_axis             ? 
# 
_symmetry.entry_id                         5ZMZ 
_symmetry.cell_setting                     ? 
_symmetry.Int_Tables_number                5 
_symmetry.space_group_name_Hall            ? 
_symmetry.space_group_name_H-M             'C 1 2 1' 
_symmetry.pdbx_full_space_group_name_H-M   ? 
# 
loop_
_entity.id 
_entity.type 
_entity.src_method 
_entity.pdbx_description 
_entity.formula_weight 
_entity.pdbx_number_of_molecules 
_entity.pdbx_ec 
_entity.pdbx_mutation 
_entity.pdbx_fragment 
_entity.details 
1 polymer man 'Amyloid core of RIP1' 429.511 1 ? ? ? ? 
2 water   nat water                  18.015  1 ? ? ? ? 
# 
_entity_poly.entity_id                      1 
_entity_poly.type                           'polypeptide(L)' 
_entity_poly.nstd_linkage                   no 
_entity_poly.nstd_monomer                   no 
_entity_poly.pdbx_seq_one_letter_code       IQIG 
_entity_poly.pdbx_seq_one_letter_code_can   IQIG 
_entity_poly.pdbx_strand_id                 A 
_entity_poly.pdbx_target_identifier         ? 
# 
loop_
_entity_poly_seq.entity_id 
_entity_poly_seq.num 
_entity_poly_seq.mon_id 
_entity_poly_seq.hetero 
1 1 ILE n 
1 2 GLN n 
1 3 ILE n 
1 4 GLY n 
# 
_entity_src_gen.entity_id                          1 
_entity_src_gen.pdbx_src_id                        1 
_entity_src_gen.pdbx_alt_source_flag               sample 
_entity_src_gen.pdbx_seq_type                      'Biological sequence' 
_entity_src_gen.pdbx_beg_seq_num                   1 
_entity_src_gen.pdbx_end_seq_num                   4 
_entity_src_gen.gene_src_common_name               Human 
_entity_src_gen.gene_src_genus                     ? 
_entity_src_gen.pdbx_gene_src_gene                 ? 
_entity_src_gen.gene_src_species                   ? 
_entity_src_gen.gene_src_strain                    ? 
_entity_src_gen.gene_src_tissue                    ? 
_entity_src_gen.gene_src_tissue_fraction           ? 
_entity_src_gen.gene_src_details                   ? 
_entity_src_gen.pdbx_gene_src_fragment             ? 
_entity_src_gen.pdbx_gene_src_scientific_name      'Homo sapiens' 
_entity_src_gen.pdbx_gene_src_ncbi_taxonomy_id     9606 
_entity_src_gen.pdbx_gene_src_variant              ? 
_entity_src_gen.pdbx_gene_src_cell_line            ? 
_entity_src_gen.pdbx_gene_src_atcc                 ? 
_entity_src_gen.pdbx_gene_src_organ                ? 
_entity_src_gen.pdbx_gene_src_organelle            ? 
_entity_src_gen.pdbx_gene_src_cell                 ? 
_entity_src_gen.pdbx_gene_src_cellular_location    ? 
_entity_src_gen.host_org_common_name               ? 
_entity_src_gen.pdbx_host_org_scientific_name      'Escherichia coli BL21(DE3)' 
_entity_src_gen.pdbx_host_org_ncbi_taxonomy_id     469008 
_entity_src_gen.host_org_genus                     ? 
_entity_src_gen.pdbx_host_org_gene                 ? 
_entity_src_gen.pdbx_host_org_organ                ? 
_entity_src_gen.host_org_species                   ? 
_entity_src_gen.pdbx_host_org_tissue               ? 
_entity_src_gen.pdbx_host_org_tissue_fraction      ? 
_entity_src_gen.pdbx_host_org_strain               ? 
_entity_src_gen.pdbx_host_org_variant              ? 
_entity_src_gen.pdbx_host_org_cell_line            ? 
_entity_src_gen.pdbx_host_org_atcc                 ? 
_entity_src_gen.pdbx_host_org_culture_collection   ? 
_entity_src_gen.pdbx_host_org_cell                 ? 
_entity_src_gen.pdbx_host_org_organelle            ? 
_entity_src_gen.pdbx_host_org_cellular_location    ? 
_entity_src_gen.pdbx_host_org_vector_type          ? 
_entity_src_gen.pdbx_host_org_vector               ? 
_entity_src_gen.host_org_details                   ? 
_entity_src_gen.expression_system_id               ? 
_entity_src_gen.plasmid_name                       ? 
_entity_src_gen.plasmid_details                    ? 
_entity_src_gen.pdbx_description                   ? 
# 
_struct_ref.id                         1 
_struct_ref.db_name                    UNP 
_struct_ref.db_code                    RIPK1_HUMAN 
_struct_ref.pdbx_db_accession          Q13546 
_struct_ref.pdbx_db_isoform            ? 
_struct_ref.entity_id                  1 
_struct_ref.pdbx_seq_one_letter_code   IQIG 
_struct_ref.pdbx_align_begin           539 
# 
_struct_ref_seq.align_id                      1 
_struct_ref_seq.ref_id                        1 
_struct_ref_seq.pdbx_PDB_id_code              5ZMZ 
_struct_ref_seq.pdbx_strand_id                A 
_struct_ref_seq.seq_align_beg                 1 
_struct_ref_seq.pdbx_seq_align_beg_ins_code   ? 
_struct_ref_seq.seq_align_end                 4 
_struct_ref_seq.pdbx_seq_align_end_ins_code   ? 
_struct_ref_seq.pdbx_db_accession             Q13546 
_struct_ref_seq.db_align_beg                  539 
_struct_ref_seq.pdbx_db_align_beg_ins_code    ? 
_struct_ref_seq.db_align_end                  542 
_struct_ref_seq.pdbx_db_align_end_ins_code    ? 
_struct_ref_seq.pdbx_auth_seq_align_beg       1 
_struct_ref_seq.pdbx_auth_seq_align_end       4 
# 
loop_
_chem_comp.id 
_chem_comp.type 
_chem_comp.mon_nstd_flag 
_chem_comp.name 
_chem_comp.pdbx_synonyms 
_chem_comp.formula 
_chem_comp.formula_weight 
GLN 'L-peptide linking' y GLUTAMINE  ? 'C5 H10 N2 O3' 146.144 
GLY 'peptide linking'   y GLYCINE    ? 'C2 H5 N O2'   75.067  
HOH non-polymer         . WATER      ? 'H2 O'         18.015  
ILE 'L-peptide linking' y ISOLEUCINE ? 'C6 H13 N O2'  131.173 
# 
_exptl.absorpt_coefficient_mu     ? 
_exptl.absorpt_correction_T_max   ? 
_exptl.absorpt_correction_T_min   ? 
_exptl.absorpt_correction_type    ? 
_exptl.absorpt_process_details    ? 
_exptl.entry_id                   5ZMZ 
_exptl.crystals_number            1 
_exptl.details                    ? 
_exptl.method                     'X-RAY DIFFRACTION' 
_exptl.method_details             ? 
# 
_exptl_crystal.colour                      ? 
_exptl_crystal.density_diffrn              ? 
_exptl_crystal.density_Matthews            1.48 
_exptl_crystal.density_method              ? 
_exptl_crystal.density_percent_sol         17.00 
_exptl_crystal.description                 ? 
_exptl_crystal.F_000                       ? 
_exptl_crystal.id                          1 
_exptl_crystal.preparation                 ? 
_exptl_crystal.size_max                    ? 
_exptl_crystal.size_mid                    ? 
_exptl_crystal.size_min                    ? 
_exptl_crystal.size_rad                    ? 
_exptl_crystal.colour_lustre               ? 
_exptl_crystal.colour_modifier             ? 
_exptl_crystal.colour_primary              ? 
_exptl_crystal.density_meas                ? 
_exptl_crystal.density_meas_esd            ? 
_exptl_crystal.density_meas_gt             ? 
_exptl_crystal.density_meas_lt             ? 
_exptl_crystal.density_meas_temp           ? 
_exptl_crystal.density_meas_temp_esd       ? 
_exptl_crystal.density_meas_temp_gt        ? 
_exptl_crystal.density_meas_temp_lt        ? 
_exptl_crystal.pdbx_crystal_image_url      ? 
_exptl_crystal.pdbx_crystal_image_format   ? 
_exptl_crystal.pdbx_mosaicity              ? 
_exptl_crystal.pdbx_mosaicity_esd          ? 
# 
_exptl_crystal_grow.apparatus       ? 
_exptl_crystal_grow.atmosphere      ? 
_exptl_crystal_grow.crystal_id      1 
_exptl_crystal_grow.details         ? 
_exptl_crystal_grow.method          'VAPOR DIFFUSION, HANGING DROP' 
_exptl_crystal_grow.method_ref      ? 
_exptl_crystal_grow.pH              7.0 
_exptl_crystal_grow.pressure        ? 
_exptl_crystal_grow.pressure_esd    ? 
_exptl_crystal_grow.seeding         ? 
_exptl_crystal_grow.seeding_ref     ? 
_exptl_crystal_grow.temp            293 
_exptl_crystal_grow.temp_details    ? 
_exptl_crystal_grow.temp_esd        ? 
_exptl_crystal_grow.time            ? 
_exptl_crystal_grow.pdbx_details    '0.2M magnesium chloride, 0.1M Sodium HEPES, pH 7.0, 25% (v/v) PEG 200' 
_exptl_crystal_grow.pdbx_pH_range   ? 
# 
_diffrn.ambient_environment    ? 
_diffrn.ambient_temp           100 
_diffrn.ambient_temp_details   ? 
_diffrn.ambient_temp_esd       ? 
_diffrn.crystal_id             1 
_diffrn.crystal_support        ? 
_diffrn.crystal_treatment      ? 
_diffrn.details                ? 
_diffrn.id                     1 
_diffrn.ambient_pressure       ? 
_diffrn.ambient_pressure_esd   ? 
_diffrn.ambient_pressure_gt    ? 
_diffrn.ambient_pressure_lt    ? 
_diffrn.ambient_temp_gt        ? 
_diffrn.ambient_temp_lt        ? 
# 
_diffrn_detector.details                      ? 
_diffrn_detector.detector                     PIXEL 
_diffrn_detector.diffrn_id                    1 
_diffrn_detector.type                         'DECTRIS PILATUS3 S 6M' 
_diffrn_detector.area_resol_mean              ? 
_diffrn_detector.dtime                        ? 
_diffrn_detector.pdbx_frames_total            ? 
_diffrn_detector.pdbx_collection_time_total   ? 
_diffrn_detector.pdbx_collection_date         2013-12-27 
# 
_diffrn_radiation.collimation                      ? 
_diffrn_radiation.diffrn_id                        1 
_diffrn_radiation.filter_edge                      ? 
_diffrn_radiation.inhomogeneity                    ? 
_diffrn_radiation.monochromator                    ? 
_diffrn_radiation.polarisn_norm                    ? 
_diffrn_radiation.polarisn_ratio                   ? 
_diffrn_radiation.probe                            ? 
_diffrn_radiation.type                             ? 
_diffrn_radiation.xray_symbol                      ? 
_diffrn_radiation.wavelength_id                    1 
_diffrn_radiation.pdbx_monochromatic_or_laue_m_l   M 
_diffrn_radiation.pdbx_wavelength_list             ? 
_diffrn_radiation.pdbx_wavelength                  ? 
_diffrn_radiation.pdbx_diffrn_protocol             'SINGLE WAVELENGTH' 
_diffrn_radiation.pdbx_analyzer                    ? 
_diffrn_radiation.pdbx_scattering_type             x-ray 
# 
_diffrn_radiation_wavelength.id           1 
_diffrn_radiation_wavelength.wavelength   0.97853 
_diffrn_radiation_wavelength.wt           1.0 
# 
_diffrn_source.current                     ? 
_diffrn_source.details                     ? 
_diffrn_source.diffrn_id                   1 
_diffrn_source.power                       ? 
_diffrn_source.size                        ? 
_diffrn_source.source                      SYNCHROTRON 
_diffrn_source.target                      ? 
_diffrn_source.type                        'SSRF BEAMLINE BL19U1' 
_diffrn_source.voltage                     ? 
_diffrn_source.take-off_angle              ? 
_diffrn_source.pdbx_wavelength_list        0.97853 
_diffrn_source.pdbx_wavelength             ? 
_diffrn_source.pdbx_synchrotron_beamline   BL19U1 
_diffrn_source.pdbx_synchrotron_site       SSRF 
# 
_reflns.B_iso_Wilson_estimate            ? 
_reflns.entry_id                         5ZMZ 
_reflns.data_reduction_details           ? 
_reflns.data_reduction_method            ? 
_reflns.d_resolution_high                1.400 
_reflns.d_resolution_low                 18.016 
_reflns.details                          ? 
_reflns.limit_h_max                      ? 
_reflns.limit_h_min                      ? 
_reflns.limit_k_max                      ? 
_reflns.limit_k_min                      ? 
_reflns.limit_l_max                      ? 
_reflns.limit_l_min                      ? 
_reflns.number_all                       ? 
_reflns.number_obs                       564 
_reflns.observed_criterion               ? 
_reflns.observed_criterion_F_max         ? 
_reflns.observed_criterion_F_min         ? 
_reflns.observed_criterion_I_max         ? 
_reflns.observed_criterion_I_min         ? 
_reflns.observed_criterion_sigma_F       ? 
_reflns.observed_criterion_sigma_I       ? 
_reflns.percent_possible_obs             94.31 
_reflns.R_free_details                   ? 
_reflns.Rmerge_F_all                     ? 
_reflns.Rmerge_F_obs                     ? 
_reflns.Friedel_coverage                 ? 
_reflns.number_gt                        ? 
_reflns.threshold_expression             ? 
_reflns.pdbx_redundancy                  12.6 
_reflns.pdbx_Rmerge_I_obs                ? 
_reflns.pdbx_Rmerge_I_all                ? 
_reflns.pdbx_Rsym_value                  ? 
_reflns.pdbx_netI_over_av_sigmaI         ? 
_reflns.pdbx_netI_over_sigmaI            22.5 
_reflns.pdbx_res_netI_over_av_sigmaI_2   ? 
_reflns.pdbx_res_netI_over_sigmaI_2      ? 
_reflns.pdbx_chi_squared                 ? 
_reflns.pdbx_scaling_rejects             ? 
_reflns.pdbx_d_res_high_opt              ? 
_reflns.pdbx_d_res_low_opt               ? 
_reflns.pdbx_d_res_opt_method            ? 
_reflns.phase_calculation_details        ? 
_reflns.pdbx_Rrim_I_all                  ? 
_reflns.pdbx_Rpim_I_all                  ? 
_reflns.pdbx_d_opt                       ? 
_reflns.pdbx_number_measured_all         ? 
_reflns.pdbx_diffrn_id                   1 
_reflns.pdbx_ordinal                     1 
_reflns.pdbx_CC_half                     0.976 
_reflns.pdbx_R_split                     ? 
# 
_reflns_shell.d_res_high                  1.400 
_reflns_shell.d_res_low                   1.52 
_reflns_shell.meanI_over_sigI_all         ? 
_reflns_shell.meanI_over_sigI_obs         ? 
_reflns_shell.number_measured_all         ? 
_reflns_shell.number_measured_obs         ? 
_reflns_shell.number_possible             ? 
_reflns_shell.number_unique_all           ? 
_reflns_shell.number_unique_obs           136 
_reflns_shell.percent_possible_all        ? 
_reflns_shell.percent_possible_obs        ? 
_reflns_shell.Rmerge_F_all                ? 
_reflns_shell.Rmerge_F_obs                ? 
_reflns_shell.Rmerge_I_all                ? 
_reflns_shell.Rmerge_I_obs                ? 
_reflns_shell.meanI_over_sigI_gt          ? 
_reflns_shell.meanI_over_uI_all           ? 
_reflns_shell.meanI_over_uI_gt            ? 
_reflns_shell.number_measured_gt          ? 
_reflns_shell.number_unique_gt            ? 
_reflns_shell.percent_possible_gt         ? 
_reflns_shell.Rmerge_F_gt                 ? 
_reflns_shell.Rmerge_I_gt                 ? 
_reflns_shell.pdbx_redundancy             ? 
_reflns_shell.pdbx_Rsym_value             ? 
_reflns_shell.pdbx_chi_squared            ? 
_reflns_shell.pdbx_netI_over_sigmaI_all   ? 
_reflns_shell.pdbx_netI_over_sigmaI_obs   ? 
_reflns_shell.pdbx_Rrim_I_all             ? 
_reflns_shell.pdbx_Rpim_I_all             ? 
_reflns_shell.pdbx_rejects                ? 
_reflns_shell.pdbx_ordinal                1 
_reflns_shell.pdbx_diffrn_id              1 
_reflns_shell.pdbx_CC_half                0.909 
_reflns_shell.pdbx_R_split                ? 
# 
_refine.aniso_B[1][1]                            ? 
_refine.aniso_B[1][2]                            ? 
_refine.aniso_B[1][3]                            ? 
_refine.aniso_B[2][2]                            ? 
_refine.aniso_B[2][3]                            ? 
_refine.aniso_B[3][3]                            ? 
_refine.B_iso_max                                ? 
_refine.B_iso_mean                               ? 
_refine.B_iso_min                                ? 
_refine.correlation_coeff_Fo_to_Fc               ? 
_refine.correlation_coeff_Fo_to_Fc_free          ? 
_refine.details                                  ? 
_refine.diff_density_max                         ? 
_refine.diff_density_max_esd                     ? 
_refine.diff_density_min                         ? 
_refine.diff_density_min_esd                     ? 
_refine.diff_density_rms                         ? 
_refine.diff_density_rms_esd                     ? 
_refine.entry_id                                 5ZMZ 
_refine.pdbx_refine_id                           'X-RAY DIFFRACTION' 
_refine.ls_abs_structure_details                 ? 
_refine.ls_abs_structure_Flack                   ? 
_refine.ls_abs_structure_Flack_esd               ? 
_refine.ls_abs_structure_Rogers                  ? 
_refine.ls_abs_structure_Rogers_esd              ? 
_refine.ls_d_res_high                            1.400 
_refine.ls_d_res_low                             18.016 
_refine.ls_extinction_coef                       ? 
_refine.ls_extinction_coef_esd                   ? 
_refine.ls_extinction_expression                 ? 
_refine.ls_extinction_method                     ? 
_refine.ls_goodness_of_fit_all                   ? 
_refine.ls_goodness_of_fit_all_esd               ? 
_refine.ls_goodness_of_fit_obs                   ? 
_refine.ls_goodness_of_fit_obs_esd               ? 
_refine.ls_hydrogen_treatment                    ? 
_refine.ls_matrix_type                           ? 
_refine.ls_number_constraints                    ? 
_refine.ls_number_parameters                     ? 
_refine.ls_number_reflns_all                     ? 
_refine.ls_number_reflns_obs                     564 
_refine.ls_number_reflns_R_free                  57 
_refine.ls_number_reflns_R_work                  ? 
_refine.ls_number_restraints                     ? 
_refine.ls_percent_reflns_obs                    94.31 
_refine.ls_percent_reflns_R_free                 10.11 
_refine.ls_R_factor_all                          ? 
_refine.ls_R_factor_obs                          0.2400 
_refine.ls_R_factor_R_free                       0.2754 
_refine.ls_R_factor_R_free_error                 ? 
_refine.ls_R_factor_R_free_error_details         ? 
_refine.ls_R_factor_R_work                       0.2349 
_refine.ls_R_Fsqd_factor_obs                     ? 
_refine.ls_R_I_factor_obs                        ? 
_refine.ls_redundancy_reflns_all                 ? 
_refine.ls_redundancy_reflns_obs                 ? 
_refine.ls_restrained_S_all                      ? 
_refine.ls_restrained_S_obs                      ? 
_refine.ls_shift_over_esd_max                    ? 
_refine.ls_shift_over_esd_mean                   ? 
_refine.ls_structure_factor_coef                 ? 
_refine.ls_weighting_details                     ? 
_refine.ls_weighting_scheme                      ? 
_refine.ls_wR_factor_all                         ? 
_refine.ls_wR_factor_obs                         ? 
_refine.ls_wR_factor_R_free                      ? 
_refine.ls_wR_factor_R_work                      ? 
_refine.occupancy_max                            ? 
_refine.occupancy_min                            ? 
_refine.solvent_model_details                    ? 
_refine.solvent_model_param_bsol                 ? 
_refine.solvent_model_param_ksol                 ? 
_refine.ls_R_factor_gt                           ? 
_refine.ls_goodness_of_fit_gt                    ? 
_refine.ls_goodness_of_fit_ref                   ? 
_refine.ls_shift_over_su_max                     ? 
_refine.ls_shift_over_su_max_lt                  ? 
_refine.ls_shift_over_su_mean                    ? 
_refine.ls_shift_over_su_mean_lt                 ? 
_refine.pdbx_ls_sigma_I                          ? 
_refine.pdbx_ls_sigma_F                          1.37 
_refine.pdbx_ls_sigma_Fsqd                       ? 
_refine.pdbx_data_cutoff_high_absF               ? 
_refine.pdbx_data_cutoff_high_rms_absF           ? 
_refine.pdbx_data_cutoff_low_absF                ? 
_refine.pdbx_isotropic_thermal_model             ? 
_refine.pdbx_ls_cross_valid_method               'FREE R-VALUE' 
_refine.pdbx_method_to_determine_struct          'MOLECULAR REPLACEMENT' 
_refine.pdbx_starting_model                      5ZCK 
_refine.pdbx_stereochemistry_target_values       ? 
_refine.pdbx_R_Free_selection_details            ? 
_refine.pdbx_stereochem_target_val_spec_case     ? 
_refine.pdbx_overall_ESU_R                       ? 
_refine.pdbx_overall_ESU_R_Free                  ? 
_refine.pdbx_solvent_vdw_probe_radii             1.11 
_refine.pdbx_solvent_ion_probe_radii             ? 
_refine.pdbx_solvent_shrinkage_radii             0.90 
_refine.pdbx_real_space_R                        ? 
_refine.pdbx_density_correlation                 ? 
_refine.pdbx_pd_number_of_powder_patterns        ? 
_refine.pdbx_pd_number_of_points                 ? 
_refine.pdbx_pd_meas_number_of_points            ? 
_refine.pdbx_pd_proc_ls_prof_R_factor            ? 
_refine.pdbx_pd_proc_ls_prof_wR_factor           ? 
_refine.pdbx_pd_Marquardt_correlation_coeff      ? 
_refine.pdbx_pd_Fsqrd_R_factor                   ? 
_refine.pdbx_pd_ls_matrix_band_width             ? 
_refine.pdbx_overall_phase_error                 34.40 
_refine.pdbx_overall_SU_R_free_Cruickshank_DPI   ? 
_refine.pdbx_overall_SU_R_free_Blow_DPI          ? 
_refine.pdbx_overall_SU_R_Blow_DPI               ? 
_refine.pdbx_TLS_residual_ADP_flag               ? 
_refine.pdbx_diffrn_id                           1 
_refine.overall_SU_B                             ? 
_refine.overall_SU_ML                            0.21 
_refine.overall_SU_R_Cruickshank_DPI             ? 
_refine.overall_SU_R_free                        ? 
_refine.overall_FOM_free_R_set                   ? 
_refine.overall_FOM_work_R_set                   ? 
_refine.pdbx_average_fsc_overall                 ? 
_refine.pdbx_average_fsc_work                    ? 
_refine.pdbx_average_fsc_free                    ? 
# 
_refine_hist.pdbx_refine_id                   'X-RAY DIFFRACTION' 
_refine_hist.cycle_id                         LAST 
_refine_hist.pdbx_number_atoms_protein        30 
_refine_hist.pdbx_number_atoms_nucleic_acid   0 
_refine_hist.pdbx_number_atoms_ligand         0 
_refine_hist.number_atoms_solvent             1 
_refine_hist.number_atoms_total               31 
_refine_hist.d_res_high                       1.400 
_refine_hist.d_res_low                        18.016 
# 
loop_
_refine_ls_restr.pdbx_refine_id 
_refine_ls_restr.criterion 
_refine_ls_restr.dev_ideal 
_refine_ls_restr.dev_ideal_target 
_refine_ls_restr.number 
_refine_ls_restr.rejects 
_refine_ls_restr.type 
_refine_ls_restr.weight 
_refine_ls_restr.pdbx_restraint_function 
'X-RAY DIFFRACTION' ? 0.008  ? 29 ? f_bond_d           ? ? 
'X-RAY DIFFRACTION' ? 1.184  ? 38 ? f_angle_d          ? ? 
'X-RAY DIFFRACTION' ? 13.801 ? 11 ? f_dihedral_angle_d ? ? 
'X-RAY DIFFRACTION' ? 0.046  ? 5  ? f_chiral_restr     ? ? 
'X-RAY DIFFRACTION' ? 0.003  ? 5  ? f_plane_restr      ? ? 
# 
_struct.entry_id                     5ZMZ 
_struct.title                        'Amyloid core of RIP1' 
_struct.pdbx_model_details           ? 
_struct.pdbx_formula_weight          ? 
_struct.pdbx_formula_weight_method   ? 
_struct.pdbx_model_type_details      ? 
_struct.pdbx_CASP_flag               N 
# 
_struct_keywords.entry_id        5ZMZ 
_struct_keywords.text            'amyloid core, RIP1, PROTEIN BINDING' 
_struct_keywords.pdbx_keywords   'PROTEIN BINDING' 
# 
loop_
_struct_asym.id 
_struct_asym.pdbx_blank_PDB_chainid_flag 
_struct_asym.pdbx_modified 
_struct_asym.entity_id 
_struct_asym.details 
A N N 1 ? 
B N N 2 ? 
# 
_atom_sites.entry_id                    5ZMZ 
_atom_sites.fract_transf_matrix[1][1]   -0.02715078 
_atom_sites.fract_transf_matrix[1][2]   0.00136772 
_atom_sites.fract_transf_matrix[1][3]   -0.02315327 
_atom_sites.fract_transf_matrix[2][1]   0.01963707 
_atom_sites.fract_transf_matrix[2][2]   0.20712449 
_atom_sites.fract_transf_matrix[2][3]   -0.01079218 
_atom_sites.fract_transf_matrix[3][1]   0.02091136 
_atom_sites.fract_transf_matrix[3][2]   -0.00465062 
_atom_sites.fract_transf_matrix[3][3]   -0.05120550 
_atom_sites.fract_transf_vector[1]      0.210580 
_atom_sites.fract_transf_vector[2]      -0.014271 
_atom_sites.fract_transf_vector[3]      0.268927 
# 
loop_
_atom_type.symbol 
C 
N 
O 
# 
loop_
_atom_site.group_PDB 
_atom_site.id 
_atom_site.type_symbol 
_atom_site.label_atom_id 
_atom_site.label_alt_id 
_atom_site.label_comp_id 
_atom_site.label_asym_id 
_atom_site.label_entity_id 
_atom_site.label_seq_id 
_atom_site.pdbx_PDB_ins_code 
_atom_site.Cartn_x 
_atom_site.Cartn_y 
_atom_site.Cartn_z 
_atom_site.occupancy 
_atom_site.B_iso_or_equiv 
_atom_site.pdbx_formal_charge 
_atom_site.auth_seq_id 
_atom_site.auth_comp_id 
_atom_site.auth_asym_id 
_atom_site.auth_atom_id 
_atom_site.pdbx_PDB_model_num 
ATOM   1  N N   . ILE A 1 1 ? -5.209 0.422  -3.387 1.00 9.66  ? 1   ILE A N   1 
ATOM   2  C CA  . ILE A 1 1 ? -4.553 0.604  -2.102 1.00 6.08  ? 1   ILE A CA  1 
ATOM   3  C C   . ILE A 1 1 ? -3.243 -0.175 -2.058 1.00 5.76  ? 1   ILE A C   1 
ATOM   4  O O   . ILE A 1 1 ? -3.247 -1.397 -2.146 1.00 6.17  ? 1   ILE A O   1 
ATOM   5  C CB  . ILE A 1 1 ? -5.454 0.149  -0.957 1.00 6.46  ? 1   ILE A CB  1 
ATOM   6  C CG1 . ILE A 1 1 ? -6.796 0.868  -1.040 1.00 6.78  ? 1   ILE A CG1 1 
ATOM   7  C CG2 . ILE A 1 1 ? -4.805 0.423  0.374  1.00 5.89  ? 1   ILE A CG2 1 
ATOM   8  C CD1 . ILE A 1 1 ? -7.813 0.324  -0.078 1.00 7.84  ? 1   ILE A CD1 1 
ATOM   9  N N   . GLN A 1 2 ? -2.133 0.553  -1.945 1.00 4.41  ? 2   GLN A N   1 
ATOM   10 C CA  . GLN A 1 2 ? -0.799 -0.016 -1.815 1.00 5.68  ? 2   GLN A CA  1 
ATOM   11 C C   . GLN A 1 2 ? -0.171 0.562  -0.559 1.00 4.66  ? 2   GLN A C   1 
ATOM   12 O O   . GLN A 1 2 ? -0.100 1.779  -0.409 1.00 4.88  ? 2   GLN A O   1 
ATOM   13 C CB  . GLN A 1 2 ? 0.055  0.302  -3.052 1.00 5.23  ? 2   GLN A CB  1 
ATOM   14 C CG  . GLN A 1 2 ? -0.381 -0.470 -4.274 1.00 5.69  ? 2   GLN A CG  1 
ATOM   15 C CD  . GLN A 1 2 ? 0.203  0.049  -5.569 1.00 6.28  ? 2   GLN A CD  1 
ATOM   16 O OE1 . GLN A 1 2 ? 0.377  1.249  -5.752 1.00 8.77  ? 2   GLN A OE1 1 
ATOM   17 N NE2 . GLN A 1 2 ? 0.498  -0.861 -6.480 1.00 7.11  ? 2   GLN A NE2 1 
ATOM   18 N N   . ILE A 1 3 ? 0.264  -0.314 0.342  1.00 4.19  ? 3   ILE A N   1 
ATOM   19 C CA  . ILE A 1 3 ? 0.855  0.097  1.609  1.00 4.67  ? 3   ILE A CA  1 
ATOM   20 C C   . ILE A 1 3 ? 2.143  -0.677 1.815  1.00 4.64  ? 3   ILE A C   1 
ATOM   21 O O   . ILE A 1 3 ? 2.128  -1.899 1.754  1.00 5.74  ? 3   ILE A O   1 
ATOM   22 C CB  . ILE A 1 3 ? -0.087 -0.168 2.810  1.00 4.72  ? 3   ILE A CB  1 
ATOM   23 C CG1 . ILE A 1 3 ? -1.431 0.537  2.612  1.00 5.93  ? 3   ILE A CG1 1 
ATOM   24 C CG2 . ILE A 1 3 ? 0.580  0.274  4.093  1.00 6.45  ? 3   ILE A CG2 1 
ATOM   25 C CD1 . ILE A 1 3 ? -2.509 0.121  3.615  1.00 7.25  ? 3   ILE A CD1 1 
ATOM   26 N N   . GLY A 1 4 ? 3.252  0.017  2.039  1.00 5.86  ? 4   GLY A N   1 
ATOM   27 C CA  . GLY A 1 4 ? 4.497  -0.685 2.308  1.00 9.00  ? 4   GLY A CA  1 
ATOM   28 C C   . GLY A 1 4 ? 5.742  0.045  1.862  1.00 12.11 ? 4   GLY A C   1 
ATOM   29 O O   . GLY A 1 4 ? 6.876  -0.404 2.104  1.00 11.37 ? 4   GLY A O   1 
ATOM   30 O OXT . GLY A 1 4 ? 5.631  1.097  1.238  1.00 14.07 ? 4   GLY A OXT 1 
HETATM 31 O O   . HOH B 2 . ? -2.787 2.122  -6.058 1.00 20.41 ? 101 HOH A O   1 
# 
loop_
_pdbx_poly_seq_scheme.asym_id 
_pdbx_poly_seq_scheme.entity_id 
_pdbx_poly_seq_scheme.seq_id 
_pdbx_poly_seq_scheme.mon_id 
_pdbx_poly_seq_scheme.ndb_seq_num 
_pdbx_poly_seq_scheme.pdb_seq_num 
_pdbx_poly_seq_scheme.auth_seq_num 
_pdbx_poly_seq_scheme.pdb_mon_id 
_pdbx_poly_seq_scheme.auth_mon_id 
_pdbx_poly_seq_scheme.pdb_strand_id 
_pdbx_poly_seq_scheme.pdb_ins_code 
_pdbx_poly_seq_scheme.hetero 
A 1 1 ILE 1 1 1 ILE ILE A . n 
A 1 2 GLN 2 2 2 GLN GLN A . n 
A 1 3 ILE 3 3 3 ILE ILE A . n 
A 1 4 GLY 4 4 4 GLY GLY A . n 
# 
_pdbx_nonpoly_scheme.asym_id         B 
_pdbx_nonpoly_scheme.entity_id       2 
_pdbx_nonpoly_scheme.mon_id          HOH 
_pdbx_nonpoly_scheme.ndb_seq_num     1 
_pdbx_nonpoly_scheme.pdb_seq_num     101 
_pdbx_nonpoly_scheme.auth_seq_num    2 
_pdbx_nonpoly_scheme.pdb_mon_id      HOH 
_pdbx_nonpoly_scheme.auth_mon_id     HOH 
_pdbx_nonpoly_scheme.pdb_strand_id   A 
_pdbx_nonpoly_scheme.pdb_ins_code    . 
# 
_pdbx_struct_assembly.id                   1 
_pdbx_struct_assembly.details              author_defined_assembly 
_pdbx_struct_assembly.method_details       ? 
_pdbx_struct_assembly.oligomeric_details   monomeric 
_pdbx_struct_assembly.oligomeric_count     1 
# 
_pdbx_struct_assembly_gen.assembly_id       1 
_pdbx_struct_assembly_gen.oper_expression   1 
_pdbx_struct_assembly_gen.asym_id_list      A,B 
# 
loop_
_pdbx_struct_assembly_prop.biol_id 
_pdbx_struct_assembly_prop.type 
_pdbx_struct_assembly_prop.value 
_pdbx_struct_assembly_prop.details 
1 'ABSA (A^2)' 0   ? 
1 MORE         0   ? 
1 'SSA (A^2)'  690 ? 
# 
_pdbx_struct_oper_list.id                   1 
_pdbx_struct_oper_list.type                 'identity operation' 
_pdbx_struct_oper_list.name                 1_555 
_pdbx_struct_oper_list.symmetry_operation   x,y,z 
_pdbx_struct_oper_list.matrix[1][1]         1.0000000000 
_pdbx_struct_oper_list.matrix[1][2]         0.0000000000 
_pdbx_struct_oper_list.matrix[1][3]         0.0000000000 
_pdbx_struct_oper_list.vector[1]            0.0000000000 
_pdbx_struct_oper_list.matrix[2][1]         0.0000000000 
_pdbx_struct_oper_list.matrix[2][2]         1.0000000000 
_pdbx_struct_oper_list.matrix[2][3]         0.0000000000 
_pdbx_struct_oper_list.vector[2]            0.0000000000 
_pdbx_struct_oper_list.matrix[3][1]         0.0000000000 
_pdbx_struct_oper_list.matrix[3][2]         0.0000000000 
_pdbx_struct_oper_list.matrix[3][3]         1.0000000000 
_pdbx_struct_oper_list.vector[3]            0.0000000000 
# 
loop_
_pdbx_audit_revision_history.ordinal 
_pdbx_audit_revision_history.data_content_type 
_pdbx_audit_revision_history.major_revision 
_pdbx_audit_revision_history.minor_revision 
_pdbx_audit_revision_history.revision_date 
1 'Structure model' 1 0 2019-04-10 
2 'Structure model' 1 1 2023-11-22 
# 
_pdbx_audit_revision_details.ordinal             1 
_pdbx_audit_revision_details.revision_ordinal    1 
_pdbx_audit_revision_details.data_content_type   'Structure model' 
_pdbx_audit_revision_details.provider            repository 
_pdbx_audit_revision_details.type                'Initial release' 
_pdbx_audit_revision_details.description         ? 
_pdbx_audit_revision_details.details             ? 
# 
loop_
_pdbx_audit_revision_group.ordinal 
_pdbx_audit_revision_group.revision_ordinal 
_pdbx_audit_revision_group.data_content_type 
_pdbx_audit_revision_group.group 
1 2 'Structure model' 'Data collection'        
2 2 'Structure model' 'Database references'    
3 2 'Structure model' 'Refinement description' 
# 
loop_
_pdbx_audit_revision_category.ordinal 
_pdbx_audit_revision_category.revision_ordinal 
_pdbx_audit_revision_category.data_content_type 
_pdbx_audit_revision_category.category 
1 2 'Structure model' chem_comp_atom                
2 2 'Structure model' chem_comp_bond                
3 2 'Structure model' database_2                    
4 2 'Structure model' pdbx_initial_refinement_model 
# 
loop_
_pdbx_audit_revision_item.ordinal 
_pdbx_audit_revision_item.revision_ordinal 
_pdbx_audit_revision_item.data_content_type 
_pdbx_audit_revision_item.item 
1 2 'Structure model' '_database_2.pdbx_DOI'                
2 2 'Structure model' '_database_2.pdbx_database_accession' 
# 
loop_
_software.citation_id 
_software.classification 
_software.compiler_name 
_software.compiler_version 
_software.contact_author 
_software.contact_author_email 
_software.date 
_software.description 
_software.dependencies 
_software.hardware 
_software.language 
_software.location 
_software.mods 
_software.name 
_software.os 
_software.os_version 
_software.type 
_software.version 
_software.pdbx_ordinal 
? refinement       ? ? ? ? ? ? ? ? ? ? ? PHENIX   ? ? ? dev_1555 1 
? 'data reduction' ? ? ? ? ? ? ? ? ? ? ? HKL-3000 ? ? ? .        2 
? 'data scaling'   ? ? ? ? ? ? ? ? ? ? ? HKL-3000 ? ? ? .        3 
? phasing          ? ? ? ? ? ? ? ? ? ? ? MLPHARE  ? ? ? .        4 
# 
loop_
_chem_comp_atom.comp_id 
_chem_comp_atom.atom_id 
_chem_comp_atom.type_symbol 
_chem_comp_atom.pdbx_aromatic_flag 
_chem_comp_atom.pdbx_stereo_config 
_chem_comp_atom.pdbx_ordinal 
GLN N    N N N 1  
GLN CA   C N S 2  
GLN C    C N N 3  
GLN O    O N N 4  
GLN CB   C N N 5  
GLN CG   C N N 6  
GLN CD   C N N 7  
GLN OE1  O N N 8  
GLN NE2  N N N 9  
GLN OXT  O N N 10 
GLN H    H N N 11 
GLN H2   H N N 12 
GLN HA   H N N 13 
GLN HB2  H N N 14 
GLN HB3  H N N 15 
GLN HG2  H N N 16 
GLN HG3  H N N 17 
GLN HE21 H N N 18 
GLN HE22 H N N 19 
GLN HXT  H N N 20 
GLY N    N N N 21 
GLY CA   C N N 22 
GLY C    C N N 23 
GLY O    O N N 24 
GLY OXT  O N N 25 
GLY H    H N N 26 
GLY H2   H N N 27 
GLY HA2  H N N 28 
GLY HA3  H N N 29 
GLY HXT  H N N 30 
HOH O    O N N 31 
HOH H1   H N N 32 
HOH H2   H N N 33 
ILE N    N N N 34 
ILE CA   C N S 35 
ILE C    C N N 36 
ILE O    O N N 37 
ILE CB   C N S 38 
ILE CG1  C N N 39 
ILE CG2  C N N 40 
ILE CD1  C N N 41 
ILE OXT  O N N 42 
ILE H    H N N 43 
ILE H2   H N N 44 
ILE HA   H N N 45 
ILE HB   H N N 46 
ILE HG12 H N N 47 
ILE HG13 H N N 48 
ILE HG21 H N N 49 
ILE HG22 H N N 50 
ILE HG23 H N N 51 
ILE HD11 H N N 52 
ILE HD12 H N N 53 
ILE HD13 H N N 54 
ILE HXT  H N N 55 
# 
loop_
_chem_comp_bond.comp_id 
_chem_comp_bond.atom_id_1 
_chem_comp_bond.atom_id_2 
_chem_comp_bond.value_order 
_chem_comp_bond.pdbx_aromatic_flag 
_chem_comp_bond.pdbx_stereo_config 
_chem_comp_bond.pdbx_ordinal 
GLN N   CA   sing N N 1  
GLN N   H    sing N N 2  
GLN N   H2   sing N N 3  
GLN CA  C    sing N N 4  
GLN CA  CB   sing N N 5  
GLN CA  HA   sing N N 6  
GLN C   O    doub N N 7  
GLN C   OXT  sing N N 8  
GLN CB  CG   sing N N 9  
GLN CB  HB2  sing N N 10 
GLN CB  HB3  sing N N 11 
GLN CG  CD   sing N N 12 
GLN CG  HG2  sing N N 13 
GLN CG  HG3  sing N N 14 
GLN CD  OE1  doub N N 15 
GLN CD  NE2  sing N N 16 
GLN NE2 HE21 sing N N 17 
GLN NE2 HE22 sing N N 18 
GLN OXT HXT  sing N N 19 
GLY N   CA   sing N N 20 
GLY N   H    sing N N 21 
GLY N   H2   sing N N 22 
GLY CA  C    sing N N 23 
GLY CA  HA2  sing N N 24 
GLY CA  HA3  sing N N 25 
GLY C   O    doub N N 26 
GLY C   OXT  sing N N 27 
GLY OXT HXT  sing N N 28 
HOH O   H1   sing N N 29 
HOH O   H2   sing N N 30 
ILE N   CA   sing N N 31 
ILE N   H    sing N N 32 
ILE N   H2   sing N N 33 
ILE CA  C    sing N N 34 
ILE CA  CB   sing N N 35 
ILE CA  HA   sing N N 36 
ILE C   O    doub N N 37 
ILE C   OXT  sing N N 38 
ILE CB  CG1  sing N N 39 
ILE CB  CG2  sing N N 40 
ILE CB  HB   sing N N 41 
ILE CG1 CD1  sing N N 42 
ILE CG1 HG12 sing N N 43 
ILE CG1 HG13 sing N N 44 
ILE CG2 HG21 sing N N 45 
ILE CG2 HG22 sing N N 46 
ILE CG2 HG23 sing N N 47 
ILE CD1 HD11 sing N N 48 
ILE CD1 HD12 sing N N 49 
ILE CD1 HD13 sing N N 50 
ILE OXT HXT  sing N N 51 
# 
_pdbx_audit_support.funding_organization   ? 
_pdbx_audit_support.country                China 
_pdbx_audit_support.grant_number           ? 
_pdbx_audit_support.ordinal                1 
# 
_pdbx_entity_nonpoly.entity_id   2 
_pdbx_entity_nonpoly.name        water 
_pdbx_entity_nonpoly.comp_id     HOH 
# 
_pdbx_initial_refinement_model.id               1 
_pdbx_initial_refinement_model.entity_id_list   ? 
_pdbx_initial_refinement_model.type             'experimental model' 
_pdbx_initial_refinement_model.source_name      PDB 
_pdbx_initial_refinement_model.accession_code   5ZCK 
_pdbx_initial_refinement_model.details          ? 
# 
_pdbx_struct_assembly_auth_evidence.id                     1 
_pdbx_struct_assembly_auth_evidence.assembly_id            1 
_pdbx_struct_assembly_auth_evidence.experimental_support   none 
_pdbx_struct_assembly_auth_evidence.details                ? 
# 
